data_6FZ4
#
_entry.id   6FZ4
#
_cell.length_a   88.867
_cell.length_b   88.867
_cell.length_c   157.145
_cell.angle_alpha   90.000
_cell.angle_beta   90.000
_cell.angle_gamma   120.000
#
_symmetry.space_group_name_H-M   'H 3 2'
#
loop_
_entity.id
_entity.type
_entity.pdbx_description
1 polymer 'Glutamate receptor ionotropic, kainate 1,Glutamate receptor ionotropic, kainate 1'
2 non-polymer GLYCEROL
3 non-polymer 'SULFATE ION'
4 non-polymer N-(7-fluoro-2,3-dioxo-6-(trifluoromethyl)-3,4-dihydroquinoxalin-1(2H)-yl)-2-hydroxybenzamide
5 non-polymer 'CHLORIDE ION'
6 water water
#
_entity_poly.entity_id   1
_entity_poly.type   'polypeptide(L)'
_entity_poly.pdbx_seq_one_letter_code
;GANRTLIVTTILEEPYVMYRKSDKPLYGNDRFEGYCLDLLKELSNILGFLYDVKLVPDGKYGAQNDKGEWNGMVKELIDH
RADLAVAPLTITYVREKVIDFSKPFMTLGISILYRKGTPIDSADDLAKQTKIEYGAVRDGSTMTFFKKSKISTYEKMWAF
MSSRQQSALVKNSDEGIQRVLTTDYALLMESTSIEYVTQRNCNLTQIGGLIDSKGYGVGTPIGSPYRDKITIAILQLQEE
GKLHMMKEKWWRGNGCP
;
_entity_poly.pdbx_strand_id   A
#
loop_
_chem_comp.id
_chem_comp.type
_chem_comp.name
_chem_comp.formula
CL non-polymer 'CHLORIDE ION' 'Cl -1'
EC8 non-polymer N-(7-fluoro-2,3-dioxo-6-(trifluoromethyl)-3,4-dihydroquinoxalin-1(2H)-yl)-2-hydroxybenzamide 'C16 H9 F4 N3 O4'
GOL non-polymer GLYCEROL 'C3 H8 O3'
SO4 non-polymer 'SULFATE ION' 'O4 S -2'
#
# COMPACT_ATOMS: atom_id res chain seq x y z
N ARG A 4 -1.37 -0.71 31.11
CA ARG A 4 -1.26 -2.10 30.68
C ARG A 4 -1.66 -2.33 29.22
N THR A 5 -2.59 -1.53 28.75
CA THR A 5 -3.09 -1.65 27.39
C THR A 5 -2.29 -0.76 26.45
N LEU A 6 -1.78 -1.38 25.39
CA LEU A 6 -1.02 -0.67 24.36
C LEU A 6 -1.96 0.11 23.45
N ILE A 7 -1.57 1.32 23.12
CA ILE A 7 -2.33 2.12 22.16
C ILE A 7 -1.70 1.88 20.80
N VAL A 8 -2.52 1.49 19.85
CA VAL A 8 -2.06 1.17 18.51
C VAL A 8 -2.67 2.17 17.55
N THR A 9 -1.81 2.93 16.88
CA THR A 9 -2.25 3.88 15.89
C THR A 9 -2.32 3.14 14.55
N THR A 10 -3.35 3.46 13.79
CA THR A 10 -3.48 2.86 12.48
C THR A 10 -4.18 3.86 11.57
N ILE A 11 -4.47 3.42 10.36
CA ILE A 11 -5.06 4.28 9.34
C ILE A 11 -6.00 3.47 8.46
N LEU A 12 -7.10 4.08 8.04
CA LEU A 12 -8.04 3.39 7.16
C LEU A 12 -7.39 3.21 5.79
N GLU A 13 -7.27 1.97 5.33
CA GLU A 13 -6.64 1.69 4.04
C GLU A 13 -7.04 0.27 3.67
N GLU A 14 -7.86 0.13 2.62
CA GLU A 14 -8.36 -1.20 2.23
C GLU A 14 -7.22 -2.04 1.66
N PRO A 15 -7.13 -3.35 1.98
CA PRO A 15 -7.85 -4.18 2.92
C PRO A 15 -7.15 -4.30 4.25
N TYR A 16 -6.26 -3.36 4.59
CA TYR A 16 -5.50 -3.49 5.84
C TYR A 16 -6.34 -3.15 7.06
N VAL A 17 -7.10 -2.05 6.99
CA VAL A 17 -7.85 -1.51 8.12
C VAL A 17 -9.10 -0.92 7.50
N MET A 18 -10.26 -1.41 7.89
CA MET A 18 -11.54 -0.94 7.39
C MET A 18 -12.56 -0.95 8.53
N TYR A 19 -13.55 -0.07 8.41
CA TYR A 19 -14.69 -0.17 9.31
C TYR A 19 -15.49 -1.42 8.98
N ARG A 20 -15.84 -2.18 10.00
CA ARG A 20 -16.73 -3.32 9.86
C ARG A 20 -18.17 -2.90 9.58
N LYS A 21 -18.81 -3.60 8.65
CA LYS A 21 -20.22 -3.38 8.35
C LYS A 21 -21.06 -3.76 9.56
N SER A 22 -22.03 -2.91 9.87
N SER A 22 -22.01 -2.92 9.92
CA SER A 22 -22.97 -3.10 10.97
CA SER A 22 -22.73 -3.10 11.18
C SER A 22 -23.97 -1.95 10.91
C SER A 22 -24.20 -2.81 10.98
N ASP A 23 -25.10 -2.14 11.60
N ASP A 23 -25.03 -3.86 10.99
CA ASP A 23 -26.14 -1.13 11.66
CA ASP A 23 -26.45 -3.68 11.26
C ASP A 23 -26.01 -0.31 12.95
C ASP A 23 -26.71 -3.60 12.76
N LYS A 24 -26.10 -0.98 14.08
N LYS A 24 -25.77 -4.06 13.57
CA LYS A 24 -25.78 -0.36 15.36
CA LYS A 24 -25.80 -3.82 15.00
C LYS A 24 -24.41 0.31 15.29
C LYS A 24 -24.63 -2.94 15.39
N PRO A 25 -24.25 1.50 15.87
N PRO A 25 -24.86 -1.79 16.04
CA PRO A 25 -22.89 2.07 15.99
CA PRO A 25 -23.74 -0.89 16.36
C PRO A 25 -22.02 1.22 16.89
C PRO A 25 -22.62 -1.60 17.11
N LEU A 26 -20.76 1.07 16.52
N LEU A 26 -21.43 -1.53 16.55
CA LEU A 26 -19.79 0.37 17.32
CA LEU A 26 -20.26 -2.09 17.19
C LEU A 26 -18.81 1.36 17.95
C LEU A 26 -19.31 -0.95 17.60
N TYR A 27 -18.01 0.87 18.92
N TYR A 27 -18.50 -1.23 18.61
CA TYR A 27 -17.30 1.76 19.85
CA TYR A 27 -17.71 -0.21 19.28
C TYR A 27 -15.85 1.39 20.13
C TYR A 27 -16.31 -0.74 19.53
N GLY A 28 -15.44 0.13 20.04
CA GLY A 28 -14.07 -0.25 20.37
C GLY A 28 -13.29 -0.83 19.21
N ASN A 29 -12.41 -1.80 19.51
CA ASN A 29 -11.70 -2.51 18.46
C ASN A 29 -12.67 -3.25 17.52
N ASP A 30 -13.90 -3.57 17.98
CA ASP A 30 -14.86 -4.26 17.12
C ASP A 30 -15.27 -3.42 15.91
N ARG A 31 -15.05 -2.10 15.96
CA ARG A 31 -15.34 -1.24 14.83
C ARG A 31 -14.57 -1.61 13.56
N PHE A 32 -13.44 -2.33 13.70
CA PHE A 32 -12.45 -2.45 12.65
C PHE A 32 -12.22 -3.91 12.27
N GLU A 33 -11.75 -4.08 11.03
CA GLU A 33 -11.38 -5.40 10.49
C GLU A 33 -10.37 -5.15 9.39
N GLY A 34 -9.67 -6.23 9.03
CA GLY A 34 -8.73 -6.21 7.94
C GLY A 34 -7.46 -6.95 8.30
N TYR A 35 -6.57 -6.97 7.33
CA TYR A 35 -5.31 -7.66 7.46
C TYR A 35 -4.51 -7.20 8.69
N CYS A 36 -4.42 -5.89 8.90
CA CYS A 36 -3.60 -5.38 10.00
C CYS A 36 -4.24 -5.65 11.36
N LEU A 37 -5.59 -5.72 11.40
CA LEU A 37 -6.28 -6.13 12.63
C LEU A 37 -6.01 -7.59 12.94
N ASP A 38 -5.98 -8.42 11.91
CA ASP A 38 -5.63 -9.82 12.14
C ASP A 38 -4.18 -9.97 12.54
N LEU A 39 -3.30 -9.18 11.93
CA LEU A 39 -1.88 -9.21 12.30
C LEU A 39 -1.71 -8.81 13.74
N LEU A 40 -2.40 -7.73 14.14
CA LEU A 40 -2.32 -7.27 15.52
C LEU A 40 -2.81 -8.35 16.48
N LYS A 41 -3.92 -9.01 16.16
CA LYS A 41 -4.40 -10.07 17.02
C LYS A 41 -3.34 -11.16 17.17
N GLU A 42 -2.73 -11.57 16.06
CA GLU A 42 -1.74 -12.63 16.13
C GLU A 42 -0.54 -12.18 16.94
N LEU A 43 -0.08 -10.94 16.72
CA LEU A 43 1.02 -10.43 17.53
C LEU A 43 0.67 -10.44 19.00
N SER A 44 -0.56 -10.02 19.35
CA SER A 44 -0.91 -9.95 20.75
C SER A 44 -0.93 -11.31 21.40
N ASN A 45 -1.17 -12.36 20.63
CA ASN A 45 -1.20 -13.69 21.20
C ASN A 45 0.16 -14.35 21.21
N ILE A 46 1.12 -13.85 20.43
CA ILE A 46 2.50 -14.32 20.53
C ILE A 46 3.22 -13.62 21.67
N LEU A 47 3.15 -12.30 21.70
CA LEU A 47 3.86 -11.48 22.67
C LEU A 47 3.09 -11.24 23.96
N GLY A 48 1.78 -11.40 23.92
CA GLY A 48 0.97 -11.35 25.12
C GLY A 48 0.74 -9.91 25.51
N PHE A 49 -0.19 -9.23 24.85
CA PHE A 49 -0.54 -7.86 25.24
C PHE A 49 -1.98 -7.55 24.87
N LEU A 50 -2.55 -6.62 25.63
CA LEU A 50 -3.84 -5.99 25.37
C LEU A 50 -3.59 -4.74 24.54
N TYR A 51 -4.57 -4.38 23.72
CA TYR A 51 -4.36 -3.23 22.83
C TYR A 51 -5.68 -2.53 22.61
N ASP A 52 -5.56 -1.22 22.33
CA ASP A 52 -6.67 -0.36 21.97
CA ASP A 52 -6.69 -0.36 21.96
C ASP A 52 -6.33 0.31 20.65
N VAL A 53 -7.14 0.08 19.63
CA VAL A 53 -6.87 0.64 18.30
C VAL A 53 -7.40 2.07 18.21
N LYS A 54 -6.57 2.99 17.74
CA LYS A 54 -6.98 4.39 17.58
C LYS A 54 -6.53 4.92 16.24
N LEU A 55 -7.48 5.34 15.41
CA LEU A 55 -7.13 5.86 14.09
C LEU A 55 -6.35 7.15 14.25
N VAL A 56 -5.31 7.30 13.45
CA VAL A 56 -4.47 8.49 13.48
C VAL A 56 -5.35 9.69 13.19
N PRO A 57 -5.40 10.67 14.09
CA PRO A 57 -6.40 11.72 13.95
C PRO A 57 -6.32 12.50 12.64
N ASP A 58 -5.13 12.75 12.10
CA ASP A 58 -5.04 13.51 10.85
C ASP A 58 -5.09 12.63 9.59
N GLY A 59 -5.22 11.33 9.76
CA GLY A 59 -5.37 10.45 8.62
C GLY A 59 -4.15 10.35 7.74
N LYS A 60 -2.96 10.62 8.28
CA LYS A 60 -1.73 10.58 7.51
C LYS A 60 -0.78 9.52 8.01
N TYR A 61 0.04 9.02 7.07
CA TYR A 61 1.05 8.04 7.43
C TYR A 61 2.19 8.69 8.23
N GLY A 62 2.72 9.79 7.71
CA GLY A 62 3.78 10.51 8.36
C GLY A 62 4.79 11.07 7.41
N ALA A 63 4.84 12.40 7.37
CA ALA A 63 5.78 13.15 6.57
C ALA A 63 6.20 14.39 7.32
N GLN A 64 7.27 15.02 6.84
CA GLN A 64 7.75 16.28 7.41
C GLN A 64 7.33 17.47 6.57
N ASN A 65 7.09 18.58 7.25
CA ASN A 65 6.84 19.85 6.61
C ASN A 65 8.17 20.58 6.41
N ASP A 66 8.06 21.85 5.97
CA ASP A 66 9.23 22.65 5.61
C ASP A 66 10.14 22.86 6.81
N LYS A 67 9.58 22.83 8.01
CA LYS A 67 10.34 23.02 9.23
C LYS A 67 10.85 21.71 9.81
N GLY A 68 10.59 20.57 9.16
CA GLY A 68 11.01 19.30 9.68
C GLY A 68 10.04 18.69 10.68
N GLU A 69 8.91 19.33 10.90
CA GLU A 69 7.88 18.79 11.79
C GLU A 69 7.16 17.60 11.14
N TRP A 70 6.95 16.56 11.93
CA TRP A 70 6.27 15.34 11.51
C TRP A 70 4.75 15.43 11.72
N ASN A 71 4.00 14.66 10.94
CA ASN A 71 2.57 14.50 11.17
C ASN A 71 2.23 13.02 11.20
N GLY A 72 0.96 12.66 11.18
CA GLY A 72 0.67 11.25 10.92
C GLY A 72 0.99 10.30 12.07
N MET A 73 0.96 9.02 11.72
CA MET A 73 1.29 7.94 12.66
C MET A 73 2.70 8.08 13.18
N VAL A 74 3.62 8.55 12.34
CA VAL A 74 4.98 8.77 12.80
C VAL A 74 4.99 9.76 13.96
N LYS A 75 4.26 10.86 13.83
CA LYS A 75 4.22 11.84 14.92
C LYS A 75 3.55 11.28 16.18
N GLU A 76 2.53 10.42 16.02
CA GLU A 76 1.92 9.80 17.20
C GLU A 76 2.95 9.00 17.97
N LEU A 77 3.81 8.27 17.25
CA LEU A 77 4.88 7.50 17.88
C LEU A 77 5.94 8.40 18.52
N ILE A 78 6.46 9.37 17.75
CA ILE A 78 7.44 10.33 18.28
C ILE A 78 6.99 10.91 19.62
N ASP A 79 5.73 11.34 19.69
CA ASP A 79 5.17 11.98 20.85
C ASP A 79 4.69 10.98 21.91
N HIS A 80 4.85 9.69 21.65
CA HIS A 80 4.45 8.65 22.59
C HIS A 80 2.96 8.70 22.90
N ARG A 81 2.15 9.09 21.92
CA ARG A 81 0.71 8.99 22.02
C ARG A 81 0.21 7.64 21.51
N ALA A 82 1.10 6.85 20.95
CA ALA A 82 0.82 5.47 20.59
C ALA A 82 2.08 4.67 20.90
N ASP A 83 1.88 3.39 21.20
CA ASP A 83 2.96 2.45 21.47
C ASP A 83 3.41 1.66 20.24
N LEU A 84 2.49 1.38 19.34
CA LEU A 84 2.74 0.72 18.07
C LEU A 84 1.91 1.39 16.98
N ALA A 85 2.44 1.30 15.78
CA ALA A 85 1.74 1.63 14.54
C ALA A 85 1.66 0.34 13.73
N VAL A 86 0.46 -0.22 13.63
CA VAL A 86 0.24 -1.44 12.87
C VAL A 86 -0.64 -1.04 11.70
N ALA A 87 -0.01 -0.95 10.55
CA ALA A 87 -0.59 -0.30 9.40
C ALA A 87 0.36 -0.56 8.24
N PRO A 88 -0.05 -0.27 7.01
CA PRO A 88 0.89 -0.43 5.89
C PRO A 88 1.82 0.78 5.80
N LEU A 89 2.67 0.84 6.79
CA LEU A 89 3.58 1.98 6.99
C LEU A 89 4.94 1.64 6.39
N THR A 90 5.31 2.39 5.38
CA THR A 90 6.51 2.08 4.61
C THR A 90 7.76 2.43 5.39
N ILE A 91 8.70 1.48 5.42
CA ILE A 91 10.01 1.68 6.02
C ILE A 91 10.83 2.52 5.06
N THR A 92 11.25 3.69 5.51
CA THR A 92 11.97 4.66 4.71
C THR A 92 13.10 5.25 5.55
N TYR A 93 14.12 5.74 4.85
CA TYR A 93 15.28 6.37 5.47
C TYR A 93 14.86 7.46 6.45
N VAL A 94 14.04 8.43 6.00
CA VAL A 94 13.76 9.58 6.86
C VAL A 94 12.95 9.16 8.07
N ARG A 95 12.09 8.14 7.93
CA ARG A 95 11.30 7.68 9.06
C ARG A 95 12.13 6.87 10.02
N GLU A 96 13.01 6.02 9.50
CA GLU A 96 13.85 5.17 10.36
C GLU A 96 14.75 5.97 11.28
N LYS A 97 15.06 7.21 10.90
CA LYS A 97 15.87 8.04 11.78
C LYS A 97 15.11 8.53 13.01
N VAL A 98 13.78 8.54 12.98
CA VAL A 98 13.01 9.10 14.08
C VAL A 98 12.14 8.11 14.82
N ILE A 99 11.85 6.94 14.25
CA ILE A 99 11.11 5.88 14.94
C ILE A 99 11.84 4.56 14.70
N ASP A 100 11.42 3.53 15.40
CA ASP A 100 11.96 2.18 15.17
C ASP A 100 10.94 1.42 14.33
N PHE A 101 11.43 0.61 13.41
CA PHE A 101 10.57 -0.28 12.65
C PHE A 101 10.95 -1.72 12.88
N SER A 102 9.94 -2.58 12.95
CA SER A 102 10.19 -4.02 12.84
C SER A 102 10.71 -4.32 11.43
N LYS A 103 11.21 -5.51 11.27
CA LYS A 103 11.40 -5.98 9.91
C LYS A 103 10.04 -6.07 9.21
N PRO A 104 10.02 -6.03 7.88
CA PRO A 104 8.74 -5.86 7.19
C PRO A 104 7.86 -7.10 7.32
N PHE A 105 6.58 -6.87 7.55
CA PHE A 105 5.59 -7.96 7.48
C PHE A 105 5.07 -8.16 6.07
N MET A 106 5.34 -7.22 5.19
CA MET A 106 4.92 -7.31 3.80
C MET A 106 5.95 -6.57 2.97
N THR A 107 6.36 -7.19 1.89
CA THR A 107 7.23 -6.55 0.93
C THR A 107 6.53 -6.46 -0.42
N LEU A 108 6.81 -5.39 -1.12
CA LEU A 108 6.06 -5.04 -2.29
C LEU A 108 6.95 -4.18 -3.16
N GLY A 109 6.47 -3.88 -4.35
CA GLY A 109 7.13 -2.89 -5.17
C GLY A 109 6.23 -2.55 -6.34
N ILE A 110 6.75 -1.65 -7.16
CA ILE A 110 6.00 -1.25 -8.33
C ILE A 110 6.04 -2.37 -9.36
N SER A 111 4.89 -2.66 -9.97
CA SER A 111 4.86 -3.56 -11.11
C SER A 111 3.92 -3.04 -12.18
N ILE A 112 3.66 -3.87 -13.19
CA ILE A 112 2.91 -3.51 -14.40
C ILE A 112 1.58 -4.26 -14.37
N LEU A 113 0.47 -3.52 -14.38
CA LEU A 113 -0.87 -4.09 -14.55
C LEU A 113 -1.33 -3.90 -16.00
N TYR A 114 -1.53 -5.02 -16.70
CA TYR A 114 -1.87 -4.97 -18.12
C TYR A 114 -2.95 -6.01 -18.43
N ARG A 115 -2.92 -6.56 -19.64
CA ARG A 115 -3.88 -7.52 -20.14
C ARG A 115 -3.14 -8.79 -20.50
N LYS A 116 -3.84 -9.92 -20.46
CA LYS A 116 -3.22 -11.15 -20.91
C LYS A 116 -3.23 -11.24 -22.43
N GLY A 117 -2.26 -11.96 -22.96
CA GLY A 117 -2.22 -12.20 -24.39
C GLY A 117 -1.38 -11.23 -25.18
N THR A 118 -0.34 -10.67 -24.57
CA THR A 118 0.51 -9.69 -25.24
C THR A 118 1.96 -10.14 -25.19
N PRO A 119 2.80 -9.63 -26.09
CA PRO A 119 4.25 -9.88 -26.00
C PRO A 119 4.94 -8.95 -25.02
N ILE A 120 4.17 -8.15 -24.30
CA ILE A 120 4.69 -7.20 -23.34
C ILE A 120 4.92 -7.96 -22.03
N ASP A 121 6.18 -8.05 -21.63
CA ASP A 121 6.55 -8.86 -20.49
C ASP A 121 7.67 -8.22 -19.67
N SER A 122 7.75 -6.88 -19.66
CA SER A 122 8.82 -6.19 -18.95
C SER A 122 8.54 -4.68 -18.93
N ALA A 123 9.17 -4.00 -17.97
CA ALA A 123 9.13 -2.54 -17.99
C ALA A 123 10.03 -2.00 -19.09
N ASP A 124 11.18 -2.64 -19.32
CA ASP A 124 12.04 -2.23 -20.43
C ASP A 124 11.36 -2.46 -21.77
N ASP A 125 10.45 -3.45 -21.83
CA ASP A 125 9.60 -3.64 -22.99
C ASP A 125 8.61 -2.50 -23.18
N LEU A 126 8.65 -1.49 -22.31
CA LEU A 126 7.87 -0.27 -22.53
C LEU A 126 8.76 0.94 -22.81
N ALA A 127 9.78 1.17 -21.99
CA ALA A 127 10.72 2.26 -22.23
C ALA A 127 11.30 2.22 -23.64
N LYS A 128 11.30 1.04 -24.28
CA LYS A 128 11.89 0.82 -25.59
C LYS A 128 10.97 1.23 -26.74
N GLN A 129 9.66 1.33 -26.50
CA GLN A 129 8.69 1.57 -27.57
C GLN A 129 7.72 2.68 -27.18
N THR A 130 6.88 3.06 -28.15
CA THR A 130 5.91 4.13 -27.94
C THR A 130 4.47 3.74 -28.29
N LYS A 131 4.25 2.76 -29.16
CA LYS A 131 2.88 2.35 -29.50
C LYS A 131 2.04 2.14 -28.24
N ILE A 132 2.56 1.37 -27.28
CA ILE A 132 1.83 1.01 -26.06
C ILE A 132 2.11 2.04 -24.99
N GLU A 133 1.06 2.68 -24.47
CA GLU A 133 1.18 3.77 -23.51
C GLU A 133 1.15 3.23 -22.08
N TYR A 134 1.34 4.13 -21.11
CA TYR A 134 1.48 3.72 -19.72
C TYR A 134 1.51 4.91 -18.78
N GLY A 135 0.86 4.76 -17.63
CA GLY A 135 0.84 5.76 -16.58
C GLY A 135 0.75 5.21 -15.19
N ALA A 136 0.42 6.08 -14.23
CA ALA A 136 0.28 5.77 -12.83
C ALA A 136 -0.73 6.71 -12.21
N VAL A 137 -1.07 6.42 -10.95
CA VAL A 137 -1.95 7.28 -10.19
C VAL A 137 -1.28 8.61 -9.88
N ARG A 138 -1.97 9.72 -10.20
CA ARG A 138 -1.47 11.05 -9.90
C ARG A 138 -1.15 11.22 -8.43
N ASP A 139 0.01 11.82 -8.16
CA ASP A 139 0.42 12.30 -6.85
C ASP A 139 0.61 11.18 -5.83
N GLY A 140 0.72 9.93 -6.28
CA GLY A 140 0.97 8.82 -5.39
C GLY A 140 2.45 8.43 -5.29
N SER A 141 2.65 7.34 -4.55
CA SER A 141 4.01 6.83 -4.34
CA SER A 141 4.00 6.82 -4.34
C SER A 141 4.64 6.39 -5.65
N THR A 142 3.88 5.74 -6.54
CA THR A 142 4.43 5.25 -7.80
C THR A 142 4.81 6.38 -8.73
N MET A 143 3.88 7.32 -8.96
CA MET A 143 4.22 8.48 -9.78
C MET A 143 5.40 9.21 -9.18
N THR A 144 5.49 9.26 -7.87
CA THR A 144 6.54 10.05 -7.25
C THR A 144 7.88 9.36 -7.44
N PHE A 145 7.88 8.03 -7.38
CA PHE A 145 9.06 7.25 -7.74
C PHE A 145 9.58 7.63 -9.11
N PHE A 146 8.71 7.67 -10.12
CA PHE A 146 9.16 7.94 -11.46
C PHE A 146 9.60 9.38 -11.59
N LYS A 147 8.93 10.30 -10.89
CA LYS A 147 9.21 11.72 -11.03
C LYS A 147 10.57 12.07 -10.44
N LYS A 148 10.90 11.46 -9.31
CA LYS A 148 12.13 11.73 -8.59
C LYS A 148 13.29 10.83 -9.02
N SER A 149 13.07 9.89 -9.93
CA SER A 149 14.11 8.91 -10.24
C SER A 149 15.25 9.53 -11.04
N LYS A 150 16.47 9.09 -10.73
CA LYS A 150 17.63 9.36 -11.58
C LYS A 150 18.12 8.13 -12.31
N ILE A 151 17.40 7.01 -12.22
CA ILE A 151 17.67 5.88 -13.09
C ILE A 151 17.25 6.27 -14.50
N SER A 152 18.16 6.09 -15.46
CA SER A 152 17.93 6.56 -16.81
C SER A 152 16.62 6.02 -17.39
N THR A 153 16.37 4.71 -17.24
CA THR A 153 15.17 4.11 -17.85
C THR A 153 13.87 4.63 -17.22
N TYR A 154 13.88 4.97 -15.94
CA TYR A 154 12.65 5.42 -15.31
C TYR A 154 12.44 6.92 -15.51
N GLU A 155 13.54 7.68 -15.62
CA GLU A 155 13.47 9.07 -16.08
C GLU A 155 12.78 9.14 -17.42
N LYS A 156 13.25 8.31 -18.36
CA LYS A 156 12.65 8.26 -19.68
C LYS A 156 11.20 7.90 -19.59
N MET A 157 10.86 6.96 -18.71
CA MET A 157 9.46 6.58 -18.52
C MET A 157 8.66 7.71 -17.87
N TRP A 158 9.25 8.45 -16.93
CA TRP A 158 8.56 9.63 -16.40
C TRP A 158 8.32 10.66 -17.51
N ALA A 159 9.31 10.84 -18.40
CA ALA A 159 9.19 11.79 -19.49
C ALA A 159 7.97 11.48 -20.34
N PHE A 160 7.71 10.20 -20.59
N PHE A 160 7.72 10.20 -20.63
CA PHE A 160 6.57 9.79 -21.42
CA PHE A 160 6.53 9.83 -21.41
C PHE A 160 5.25 9.86 -20.66
C PHE A 160 5.26 10.01 -20.61
N MET A 161 5.24 9.49 -19.38
CA MET A 161 4.03 9.56 -18.56
C MET A 161 3.55 10.98 -18.37
N SER A 162 4.47 11.91 -18.14
CA SER A 162 4.09 13.28 -17.88
C SER A 162 3.90 14.09 -19.15
N SER A 163 4.14 13.50 -20.33
CA SER A 163 3.97 14.25 -21.57
C SER A 163 2.48 14.52 -21.84
N ARG A 164 2.22 15.40 -22.79
CA ARG A 164 0.83 15.68 -23.21
C ARG A 164 -0.07 15.99 -22.01
N GLN A 165 0.35 16.98 -21.21
CA GLN A 165 -0.40 17.48 -20.06
C GLN A 165 -0.67 16.39 -19.02
N GLN A 166 0.18 15.37 -19.00
CA GLN A 166 0.11 14.30 -18.01
C GLN A 166 -1.16 13.46 -18.15
N SER A 167 -1.65 13.35 -19.39
CA SER A 167 -2.96 12.75 -19.62
C SER A 167 -2.97 11.28 -19.24
N ALA A 168 -1.80 10.62 -19.28
CA ALA A 168 -1.68 9.22 -18.95
C ALA A 168 -1.73 8.92 -17.46
N LEU A 169 -1.69 9.94 -16.60
CA LEU A 169 -1.91 9.74 -15.18
C LEU A 169 -3.41 9.72 -14.85
N VAL A 170 -3.73 9.28 -13.60
N VAL A 170 -3.76 8.84 -13.93
CA VAL A 170 -5.10 9.22 -13.08
CA VAL A 170 -5.16 8.52 -13.71
C VAL A 170 -5.23 9.77 -11.64
C VAL A 170 -5.49 9.00 -12.31
N LYS A 171 -6.48 10.10 -11.24
N LYS A 171 -6.77 9.18 -12.04
CA LYS A 171 -6.73 10.75 -9.95
CA LYS A 171 -7.11 9.61 -10.69
C LYS A 171 -6.48 9.83 -8.76
C LYS A 171 -6.96 8.45 -9.72
N ASN A 172 -6.93 8.58 -8.83
N ASN A 172 -7.16 7.21 -10.18
CA ASN A 172 -6.76 7.66 -7.71
CA ASN A 172 -7.22 6.05 -9.30
C ASN A 172 -6.81 6.22 -8.22
C ASN A 172 -7.05 4.78 -10.12
N SER A 173 -6.57 5.28 -7.29
N SER A 173 -6.92 3.66 -9.42
CA SER A 173 -6.48 3.88 -7.69
CA SER A 173 -6.70 2.39 -10.10
C SER A 173 -7.79 3.37 -8.29
C SER A 173 -7.89 2.06 -11.01
N ASP A 174 -8.93 3.63 -7.62
N ASP A 174 -9.12 2.35 -10.58
CA ASP A 174 -10.23 3.28 -8.16
CA ASP A 174 -10.27 2.03 -11.42
C ASP A 174 -10.45 3.80 -9.58
C ASP A 174 -10.13 2.58 -12.84
N GLU A 175 -10.00 5.04 -9.84
N GLU A 175 -9.63 3.83 -12.99
CA GLU A 175 -10.12 5.63 -11.18
CA GLU A 175 -9.49 4.41 -14.33
C GLU A 175 -9.20 4.92 -12.16
C GLU A 175 -8.36 3.74 -15.09
N GLY A 176 -7.97 4.62 -11.73
N GLY A 176 -7.29 3.36 -14.39
CA GLY A 176 -7.05 3.91 -12.60
CA GLY A 176 -6.21 2.64 -15.05
C GLY A 176 -7.56 2.52 -12.97
C GLY A 176 -6.68 1.33 -15.64
N ILE A 177 -8.10 1.79 -11.99
N ILE A 177 -7.43 0.54 -14.85
CA ILE A 177 -8.67 0.48 -12.26
CA ILE A 177 -7.94 -0.74 -15.33
C ILE A 177 -9.75 0.57 -13.33
C ILE A 177 -8.71 -0.56 -16.63
N GLN A 178 -10.67 1.54 -13.18
N GLN A 178 -9.62 0.42 -16.65
CA GLN A 178 -11.72 1.68 -14.18
CA GLN A 178 -10.45 0.63 -17.82
C GLN A 178 -11.12 2.06 -15.53
C GLN A 178 -9.59 0.85 -19.05
N ARG A 179 -10.12 2.93 -15.54
N ARG A 179 -8.52 1.66 -18.93
CA ARG A 179 -9.48 3.28 -16.81
CA ARG A 179 -7.60 1.87 -20.04
C ARG A 179 -8.80 2.06 -17.45
C ARG A 179 -6.83 0.60 -20.37
N VAL A 180 -8.32 1.12 -16.64
N VAL A 180 -6.40 -0.15 -19.35
CA VAL A 180 -7.80 -0.12 -17.21
CA VAL A 180 -5.71 -1.40 -19.61
C VAL A 180 -8.95 -0.99 -17.73
C VAL A 180 -6.59 -2.33 -20.43
N LEU A 181 -10.08 -0.97 -17.04
N LEU A 181 -7.88 -2.40 -20.09
CA LEU A 181 -11.19 -1.85 -17.38
CA LEU A 181 -8.83 -3.34 -20.69
C LEU A 181 -11.93 -1.37 -18.64
C LEU A 181 -9.14 -3.03 -22.15
N THR A 182 -11.91 -0.08 -18.92
N THR A 182 -9.08 -1.76 -22.57
CA THR A 182 -12.73 0.52 -19.96
CA THR A 182 -9.64 -1.35 -23.86
C THR A 182 -11.94 1.00 -21.16
C THR A 182 -8.65 -0.72 -24.83
N THR A 183 -10.62 1.04 -21.07
N THR A 183 -7.42 -0.44 -24.40
CA THR A 183 -9.77 1.64 -22.08
CA THR A 183 -6.42 0.19 -25.27
C THR A 183 -8.53 0.77 -22.22
C THR A 183 -5.07 -0.50 -25.05
N ASP A 184 -7.72 1.08 -23.24
N ASP A 184 -4.11 -0.14 -25.91
CA ASP A 184 -6.42 0.44 -23.45
CA ASP A 184 -2.72 -0.56 -25.78
C ASP A 184 -5.38 1.20 -22.63
C ASP A 184 -2.08 0.32 -24.71
N TYR A 185 -5.24 0.79 -21.37
N TYR A 185 -2.15 -0.15 -23.48
CA TYR A 185 -4.47 1.55 -20.41
CA TYR A 185 -1.80 0.67 -22.33
C TYR A 185 -3.84 0.59 -19.39
C TYR A 185 -1.48 -0.25 -21.17
N ALA A 186 -2.58 0.86 -19.07
N ALA A 186 -0.40 0.07 -20.48
CA ALA A 186 -1.84 0.08 -18.09
CA ALA A 186 0.04 -0.68 -19.31
C ALA A 186 -1.53 0.99 -16.90
C ALA A 186 0.11 0.26 -18.12
N LEU A 187 -1.77 0.50 -15.69
N LEU A 187 -0.30 -0.22 -16.97
CA LEU A 187 -1.54 1.27 -14.48
CA LEU A 187 -0.40 0.61 -15.77
C LEU A 187 -0.28 0.73 -13.83
C LEU A 187 0.66 0.22 -14.76
N LEU A 188 0.79 1.54 -13.80
N LEU A 188 1.21 1.23 -14.07
CA LEU A 188 1.94 1.20 -12.98
CA LEU A 188 2.17 1.02 -12.98
C LEU A 188 1.53 1.44 -11.53
C LEU A 188 1.52 1.33 -11.64
N MET A 189 1.66 0.43 -10.67
CA MET A 189 1.21 0.66 -9.30
C MET A 189 1.81 -0.42 -8.42
N GLU A 190 1.56 -0.30 -7.12
CA GLU A 190 2.12 -1.25 -6.17
C GLU A 190 1.61 -2.67 -6.46
N SER A 191 2.50 -3.66 -6.28
CA SER A 191 2.16 -5.05 -6.55
C SER A 191 1.01 -5.54 -5.69
N THR A 192 0.95 -5.07 -4.44
CA THR A 192 -0.16 -5.44 -3.55
C THR A 192 -1.50 -5.01 -4.12
N SER A 193 -1.58 -3.83 -4.72
CA SER A 193 -2.84 -3.39 -5.30
C SER A 193 -3.14 -4.16 -6.58
N ILE A 194 -2.13 -4.40 -7.40
CA ILE A 194 -2.29 -5.22 -8.59
C ILE A 194 -2.83 -6.61 -8.23
N GLU A 195 -2.22 -7.26 -7.23
CA GLU A 195 -2.71 -8.56 -6.77
C GLU A 195 -4.18 -8.49 -6.35
N TYR A 196 -4.56 -7.41 -5.65
CA TYR A 196 -5.93 -7.23 -5.22
C TYR A 196 -6.86 -7.14 -6.44
N VAL A 197 -6.42 -6.42 -7.47
CA VAL A 197 -7.25 -6.13 -8.63
C VAL A 197 -7.38 -7.36 -9.51
N THR A 198 -6.28 -8.09 -9.70
CA THR A 198 -6.32 -9.26 -10.56
C THR A 198 -7.19 -10.35 -9.96
N GLN A 199 -7.26 -10.43 -8.63
CA GLN A 199 -8.17 -11.37 -7.97
C GLN A 199 -9.63 -11.07 -8.32
N ARG A 200 -9.92 -9.87 -8.80
CA ARG A 200 -11.28 -9.47 -9.13
C ARG A 200 -11.47 -9.22 -10.60
N ASN A 201 -10.47 -9.45 -11.44
CA ASN A 201 -10.61 -9.20 -12.87
C ASN A 201 -9.74 -10.20 -13.62
N CYS A 202 -10.38 -11.19 -14.26
CA CYS A 202 -9.65 -12.35 -14.76
C CYS A 202 -8.90 -12.10 -16.07
N ASN A 203 -9.18 -11.02 -16.78
CA ASN A 203 -8.44 -10.69 -17.99
C ASN A 203 -7.24 -9.81 -17.71
N LEU A 204 -7.09 -9.33 -16.48
CA LEU A 204 -5.95 -8.55 -16.03
C LEU A 204 -4.92 -9.42 -15.33
N THR A 205 -3.66 -9.02 -15.44
CA THR A 205 -2.56 -9.76 -14.85
C THR A 205 -1.41 -8.79 -14.55
N GLN A 206 -0.54 -9.21 -13.64
CA GLN A 206 0.72 -8.54 -13.40
C GLN A 206 1.73 -8.93 -14.46
N ILE A 207 2.46 -7.94 -14.98
CA ILE A 207 3.49 -8.18 -15.99
C ILE A 207 4.84 -7.95 -15.36
N GLY A 208 5.68 -8.97 -15.44
CA GLY A 208 7.02 -8.91 -14.92
C GLY A 208 7.02 -8.78 -13.41
N GLY A 209 8.20 -8.50 -12.90
CA GLY A 209 8.45 -8.44 -11.50
C GLY A 209 8.34 -7.04 -10.97
N LEU A 210 9.09 -6.79 -9.89
CA LEU A 210 8.98 -5.55 -9.14
C LEU A 210 10.07 -4.60 -9.59
N ILE A 211 9.67 -3.35 -9.75
CA ILE A 211 10.56 -2.35 -10.32
C ILE A 211 11.42 -1.76 -9.23
N ASP A 212 10.83 -1.54 -8.06
CA ASP A 212 11.58 -1.19 -6.88
C ASP A 212 11.14 -2.14 -5.76
N SER A 213 11.69 -1.94 -4.59
CA SER A 213 11.35 -2.81 -3.49
C SER A 213 11.18 -1.97 -2.26
N LYS A 214 10.18 -2.33 -1.47
CA LYS A 214 9.94 -1.67 -0.20
C LYS A 214 9.18 -2.61 0.72
N GLY A 215 9.15 -2.24 1.98
CA GLY A 215 8.50 -3.04 3.00
C GLY A 215 7.62 -2.18 3.87
N TYR A 216 6.53 -2.79 4.34
CA TYR A 216 5.67 -2.23 5.39
C TYR A 216 6.08 -2.86 6.72
N GLY A 217 6.38 -2.05 7.74
CA GLY A 217 6.73 -2.57 9.03
C GLY A 217 5.88 -1.97 10.13
N VAL A 218 5.97 -2.60 11.30
CA VAL A 218 5.30 -2.06 12.48
C VAL A 218 6.20 -0.98 13.06
N GLY A 219 5.65 0.20 13.30
CA GLY A 219 6.42 1.29 13.86
C GLY A 219 6.29 1.29 15.37
N THR A 220 7.39 1.62 16.03
CA THR A 220 7.46 1.80 17.47
C THR A 220 8.23 3.08 17.73
N PRO A 221 8.00 3.73 18.86
CA PRO A 221 8.90 4.84 19.26
C PRO A 221 10.33 4.33 19.39
N ILE A 222 11.30 5.24 19.17
CA ILE A 222 12.70 4.86 19.31
C ILE A 222 12.91 4.35 20.70
N GLY A 223 13.68 3.28 20.80
CA GLY A 223 13.97 2.66 22.07
C GLY A 223 12.93 1.69 22.54
N SER A 224 11.87 1.47 21.78
CA SER A 224 10.82 0.65 22.31
C SER A 224 11.33 -0.76 22.53
N PRO A 225 10.97 -1.40 23.63
CA PRO A 225 11.31 -2.81 23.80
C PRO A 225 10.54 -3.72 22.85
N TYR A 226 9.48 -3.24 22.21
CA TYR A 226 8.68 -4.12 21.39
C TYR A 226 9.27 -4.34 20.01
N ARG A 227 10.18 -3.49 19.53
CA ARG A 227 10.66 -3.61 18.16
C ARG A 227 11.24 -5.01 17.90
N ASP A 228 12.18 -5.45 18.74
CA ASP A 228 12.85 -6.73 18.48
C ASP A 228 11.86 -7.89 18.66
N LYS A 229 10.97 -7.78 19.66
CA LYS A 229 9.95 -8.79 19.89
C LYS A 229 9.04 -8.95 18.68
N ILE A 230 8.60 -7.82 18.12
CA ILE A 230 7.68 -7.86 16.99
C ILE A 230 8.39 -8.41 15.75
N THR A 231 9.67 -8.10 15.53
CA THR A 231 10.38 -8.65 14.38
C THR A 231 10.38 -10.17 14.45
N ILE A 232 10.73 -10.68 15.61
CA ILE A 232 10.80 -12.14 15.78
C ILE A 232 9.42 -12.76 15.56
N ALA A 233 8.38 -12.08 16.03
CA ALA A 233 7.02 -12.58 15.90
C ALA A 233 6.57 -12.62 14.44
N ILE A 234 6.89 -11.58 13.68
CA ILE A 234 6.56 -11.54 12.27
C ILE A 234 7.25 -12.67 11.55
N LEU A 235 8.54 -12.85 11.82
CA LEU A 235 9.27 -13.95 11.19
C LEU A 235 8.66 -15.28 11.56
N GLN A 236 8.23 -15.45 12.81
CA GLN A 236 7.55 -16.68 13.20
C GLN A 236 6.29 -16.90 12.36
N LEU A 237 5.46 -15.86 12.29
CA LEU A 237 4.23 -15.95 11.51
C LEU A 237 4.52 -16.27 10.05
N GLN A 238 5.61 -15.69 9.50
CA GLN A 238 5.94 -15.93 8.10
C GLN A 238 6.37 -17.37 7.90
N GLU A 239 7.26 -17.86 8.76
CA GLU A 239 7.72 -19.26 8.71
C GLU A 239 6.56 -20.22 8.79
N GLU A 240 5.56 -19.87 9.60
CA GLU A 240 4.39 -20.72 9.82
C GLU A 240 3.37 -20.68 8.69
N GLY A 241 3.52 -19.77 7.71
CA GLY A 241 2.53 -19.61 6.65
C GLY A 241 1.32 -18.76 7.03
N LYS A 242 1.31 -18.18 8.23
CA LYS A 242 0.14 -17.42 8.66
C LYS A 242 0.06 -16.06 8.00
N LEU A 243 1.21 -15.42 7.71
CA LEU A 243 1.14 -14.19 6.94
C LEU A 243 0.55 -14.43 5.56
N HIS A 244 0.93 -15.55 4.94
CA HIS A 244 0.35 -15.89 3.65
C HIS A 244 -1.15 -16.17 3.76
N MET A 245 -1.61 -16.86 4.82
CA MET A 245 -3.04 -17.14 4.98
C MET A 245 -3.81 -15.82 5.14
N MET A 246 -3.30 -14.93 5.98
CA MET A 246 -3.95 -13.63 6.17
C MET A 246 -4.04 -12.85 4.88
N LYS A 247 -2.95 -12.79 4.11
CA LYS A 247 -3.01 -12.11 2.83
C LYS A 247 -4.06 -12.74 1.92
N GLU A 248 -4.11 -14.07 1.85
CA GLU A 248 -5.15 -14.71 1.04
C GLU A 248 -6.54 -14.33 1.51
N LYS A 249 -6.75 -14.28 2.82
CA LYS A 249 -8.09 -13.97 3.34
C LYS A 249 -8.55 -12.59 2.86
N TRP A 250 -7.65 -11.61 2.90
CA TRP A 250 -8.05 -10.22 2.63
C TRP A 250 -7.87 -9.83 1.17
N TRP A 251 -7.07 -10.55 0.39
CA TRP A 251 -6.93 -10.28 -1.04
C TRP A 251 -7.78 -11.19 -1.92
N ARG A 252 -8.33 -12.28 -1.36
CA ARG A 252 -9.10 -13.26 -2.10
C ARG A 252 -10.16 -12.66 -2.99
N GLY A 253 -10.33 -13.24 -4.19
CA GLY A 253 -11.34 -12.81 -5.13
C GLY A 253 -12.13 -13.98 -5.69
C1 GOL B . 4.56 -16.52 1.24
O1 GOL B . 3.94 -16.62 -0.03
C2 GOL B . 4.73 -15.06 1.66
O2 GOL B . 5.39 -14.32 0.66
C3 GOL B . 5.50 -14.99 2.97
O3 GOL B . 5.27 -13.76 3.62
C1 GOL C . -7.72 -15.28 13.41
O1 GOL C . -8.67 -14.52 14.13
C2 GOL C . -6.90 -14.37 12.52
O2 GOL C . -5.86 -13.75 13.24
C3 GOL C . -6.28 -15.12 11.35
O3 GOL C . -6.40 -14.35 10.18
C1 GOL D . 9.12 3.34 24.39
O1 GOL D . 8.79 2.31 25.30
C2 GOL D . 10.43 4.00 24.82
O2 GOL D . 10.96 4.76 23.75
C3 GOL D . 10.21 4.89 26.02
O3 GOL D . 11.34 5.72 26.19
C1 GOL E . 5.66 13.81 -3.82
O1 GOL E . 4.49 13.83 -4.62
C2 GOL E . 5.42 14.63 -2.57
O2 GOL E . 4.27 14.15 -1.93
C3 GOL E . 6.65 14.54 -1.66
O3 GOL E . 7.59 15.53 -1.98
C1 GOL F . -9.16 -7.41 20.99
O1 GOL F . -10.09 -6.38 20.76
C2 GOL F . -8.63 -7.37 22.42
O2 GOL F . -7.93 -8.56 22.69
C3 GOL F . -7.71 -6.18 22.64
O3 GOL F . -6.70 -6.51 23.56
S SO4 G . 0.26 3.69 -6.23
O1 SO4 G . -0.97 3.83 -7.00
O2 SO4 G . 1.01 4.95 -6.09
O3 SO4 G . 1.05 2.69 -6.93
O4 SO4 G . -0.09 3.24 -4.88
C2 EC8 H . -0.32 3.84 -0.03
C3 EC8 H . -0.35 2.75 0.80
C4 EC8 H . 0.45 2.68 1.94
C5 EC8 H . 1.28 3.75 2.22
C10 EC8 H . 3.25 10.66 -2.51
C11 EC8 H . 4.41 9.91 -2.32
C12 EC8 H . 4.39 8.79 -1.47
C15 EC8 H . 2.07 10.32 -1.86
C13 EC8 H . 3.22 8.45 -0.82
C14 EC8 H . 2.05 9.18 -1.04
C1 EC8 H . 0.50 4.91 0.25
C6 EC8 H . 2.97 4.75 3.69
C16 EC8 H . -1.26 1.60 0.41
C7 EC8 H . 2.99 5.96 2.76
C8 EC8 H . 1.30 4.88 1.37
C9 EC8 H . 3.22 7.23 0.06
F1 EC8 H . -1.10 3.94 -1.11
F2 EC8 H . -0.85 1.06 -0.72
F3 EC8 H . -1.26 0.69 1.36
F4 EC8 H . -2.50 1.98 0.24
N1 EC8 H . 2.15 3.78 3.32
N2 EC8 H . 2.15 5.91 1.67
N3 EC8 H . 2.14 7.07 0.82
O1 EC8 H . 3.70 4.72 4.69
O2 EC8 H . 3.68 6.93 3.04
O3 EC8 H . 4.19 6.44 0.01
O4 EC8 H . 5.55 8.08 -1.33
CL CL I . 14.98 -5.45 13.52
#